data_4JNO
#
_entry.id   4JNO
#
_cell.length_a   64.950
_cell.length_b   76.030
_cell.length_c   81.430
_cell.angle_alpha   90.00
_cell.angle_beta   96.93
_cell.angle_gamma   90.00
#
_symmetry.space_group_name_H-M   'P 1 21 1'
#
loop_
_entity.id
_entity.type
_entity.pdbx_description
1 polymer 'BAEBL protein'
2 non-polymer 'N-acetyl-alpha-neuraminic acid'
3 water water
#
_entity_poly.entity_id   1
_entity_poly.type   'polypeptide(L)'
_entity_poly.pdbx_seq_one_letter_code
;QYTFIQKRTHLFACGIKRKSIKWICRENSEKITVCVPDRKIQLCIANFLNSRLETMEKFKEIFLISVNTEAKLLYNKNEG
KDPSIFCNELRNSFSDFRNSFIGDDMDFGGNTDRVKGYINKKFSDYYKEKNVEKLNNIKKEWWEKNKANLWNHMIVNHKG
NIAKECAIIPAEEPQINLWIKEWNENFLMEKKRLFLNIKDKCVENKKYEACFGGCRLPCSSYTSFMKKSKTQMEVLTNLY
KKKNSGVDKNNFLNDLFKKNNKNDLDDFFKNEKEYDDLCDCRYTATIIKSFLNGPAKNDVDIASQINVNDLRGFGCNYKS
NNEKSWNCAGTFTNKFPGTCEPPRRQTLCLGRTYLLHRGHEEDYKEHLLGASIYEAQLLKYKYKEKDENALCSIIQNSYA
DLADIIKGSDIIKDYYGKKMEENLNKVNKDKKRNEESLKIFREKWWDENKENVWKVMSAVLKNKETCKDYDKFQKIPQFL
RWFKEWGDDFCEKRKEKIYSFESFKVECKKKDCDENTCKNKCSEYKKWIDLKKSEYEKQVDKYTKDKNKKMYDNIDEVKN
KEANVYLKEKSKECKDVNFDDKIFNEAPNEYEDMCKKCDEIKYLNEIKYPKTKHD
;
_entity_poly.pdbx_strand_id   A
#
loop_
_chem_comp.id
_chem_comp.type
_chem_comp.name
_chem_comp.formula
SIA D-saccharide, alpha linking 'N-acetyl-alpha-neuraminic acid' 'C11 H19 N O9'
#
# COMPACT_ATOMS: atom_id res chain seq x y z
N ARG A 8 25.17 -39.14 20.91
CA ARG A 8 25.46 -38.06 19.97
C ARG A 8 25.42 -38.54 18.53
N THR A 9 25.83 -39.79 18.32
CA THR A 9 25.85 -40.37 16.99
C THR A 9 24.46 -40.30 16.35
N HIS A 10 23.43 -40.39 17.18
CA HIS A 10 22.05 -40.39 16.69
C HIS A 10 21.52 -38.97 16.53
N LEU A 11 21.96 -38.07 17.40
CA LEU A 11 21.53 -36.68 17.35
C LEU A 11 22.11 -35.98 16.12
N PHE A 12 23.32 -36.37 15.74
CA PHE A 12 23.99 -35.77 14.60
C PHE A 12 23.31 -36.19 13.29
N ALA A 13 22.85 -37.44 13.26
CA ALA A 13 22.16 -37.97 12.09
C ALA A 13 21.00 -37.07 11.70
N CYS A 14 20.17 -36.71 12.68
CA CYS A 14 19.04 -35.83 12.44
C CYS A 14 19.55 -34.42 12.16
N GLY A 15 19.85 -33.66 13.22
CA GLY A 15 20.33 -32.31 13.09
C GLY A 15 19.56 -31.32 13.95
N ILE A 16 20.21 -30.23 14.33
CA ILE A 16 19.59 -29.22 15.18
C ILE A 16 18.29 -28.72 14.57
N LYS A 17 17.29 -28.49 15.43
CA LYS A 17 15.99 -28.03 14.98
C LYS A 17 15.94 -26.52 14.87
N ARG A 18 15.15 -26.01 13.93
CA ARG A 18 14.98 -24.58 13.74
C ARG A 18 13.86 -24.04 14.63
N LYS A 19 14.22 -23.25 15.62
CA LYS A 19 13.27 -22.71 16.59
C LYS A 19 12.09 -22.04 15.92
N SER A 20 12.34 -21.32 14.84
CA SER A 20 11.29 -20.59 14.13
C SER A 20 10.23 -21.55 13.61
N ILE A 21 8.98 -21.34 14.03
CA ILE A 21 7.87 -22.16 13.58
C ILE A 21 7.29 -21.61 12.28
N LYS A 22 7.36 -22.40 11.22
CA LYS A 22 6.86 -21.98 9.92
C LYS A 22 6.26 -23.15 9.14
N TRP A 23 5.28 -22.87 8.30
CA TRP A 23 4.63 -23.88 7.49
C TRP A 23 4.97 -23.68 6.01
N ILE A 24 5.67 -24.65 5.44
CA ILE A 24 6.08 -24.58 4.04
C ILE A 24 5.00 -25.19 3.15
N CYS A 25 4.72 -24.54 2.02
CA CYS A 25 3.69 -25.00 1.12
C CYS A 25 4.23 -25.25 -0.29
N ARG A 26 4.27 -26.51 -0.68
CA ARG A 26 4.69 -26.89 -2.02
C ARG A 26 3.56 -27.67 -2.70
N GLU A 27 3.82 -28.16 -3.91
CA GLU A 27 2.85 -28.99 -4.61
C GLU A 27 3.47 -30.34 -4.98
N ASN A 28 2.77 -31.41 -4.65
CA ASN A 28 3.26 -32.76 -4.91
C ASN A 28 3.19 -33.12 -6.39
N SER A 29 3.50 -34.37 -6.72
CA SER A 29 3.54 -34.83 -8.10
C SER A 29 2.14 -34.91 -8.73
N GLU A 30 1.11 -34.67 -7.94
CA GLU A 30 -0.26 -34.72 -8.42
C GLU A 30 -0.85 -33.33 -8.64
N LYS A 31 0.03 -32.32 -8.70
CA LYS A 31 -0.40 -30.94 -8.90
C LYS A 31 -1.29 -30.48 -7.74
N ILE A 32 -1.17 -31.13 -6.60
CA ILE A 32 -1.97 -30.78 -5.42
C ILE A 32 -1.13 -30.00 -4.42
N THR A 33 -1.60 -28.81 -4.07
CA THR A 33 -0.90 -27.96 -3.12
C THR A 33 -1.12 -28.47 -1.69
N VAL A 34 -0.04 -28.52 -0.92
CA VAL A 34 -0.10 -28.97 0.46
C VAL A 34 0.78 -28.10 1.35
N CYS A 35 0.43 -28.02 2.63
CA CYS A 35 1.20 -27.23 3.58
C CYS A 35 1.76 -28.12 4.70
N VAL A 36 3.08 -28.31 4.67
CA VAL A 36 3.75 -29.14 5.66
C VAL A 36 4.43 -28.26 6.71
N PRO A 37 4.28 -28.62 7.99
CA PRO A 37 4.93 -27.86 9.06
C PRO A 37 6.43 -28.16 9.12
N ASP A 38 7.23 -27.14 9.40
CA ASP A 38 8.68 -27.30 9.48
C ASP A 38 9.05 -28.41 10.45
N ARG A 39 8.23 -28.61 11.47
CA ARG A 39 8.45 -29.66 12.46
C ARG A 39 8.44 -31.04 11.79
N LYS A 40 7.52 -31.21 10.85
CA LYS A 40 7.41 -32.48 10.12
C LYS A 40 8.63 -32.72 9.25
N ILE A 41 9.10 -31.66 8.60
CA ILE A 41 10.26 -31.75 7.71
C ILE A 41 11.49 -32.25 8.45
N GLN A 42 11.73 -31.70 9.64
CA GLN A 42 12.91 -32.06 10.42
C GLN A 42 12.66 -33.27 11.31
N LEU A 43 11.60 -34.01 11.03
CA LEU A 43 11.28 -35.20 11.82
C LEU A 43 12.45 -36.17 11.79
N CYS A 44 12.95 -36.53 12.97
CA CYS A 44 14.10 -37.41 13.09
C CYS A 44 13.82 -38.79 12.47
N ILE A 45 14.30 -38.99 11.25
CA ILE A 45 14.12 -40.26 10.55
C ILE A 45 15.39 -40.67 9.81
N ALA A 46 16.51 -40.03 10.13
CA ALA A 46 17.77 -40.30 9.45
C ALA A 46 18.40 -41.61 9.94
N ASN A 47 18.09 -41.97 11.18
CA ASN A 47 18.66 -43.18 11.78
C ASN A 47 18.25 -44.43 10.99
N PHE A 48 17.06 -44.41 10.41
CA PHE A 48 16.57 -45.53 9.62
C PHE A 48 17.49 -45.80 8.42
N LEU A 49 18.11 -44.75 7.90
CA LEU A 49 18.96 -44.86 6.73
C LEU A 49 20.36 -45.34 7.09
N ASN A 50 20.82 -44.98 8.28
CA ASN A 50 22.17 -45.33 8.72
C ASN A 50 22.26 -46.77 9.24
N SER A 51 21.14 -47.49 9.23
CA SER A 51 21.12 -48.86 9.70
C SER A 51 20.66 -49.80 8.58
N ARG A 52 21.25 -50.99 8.53
CA ARG A 52 20.89 -51.99 7.53
C ARG A 52 19.51 -52.58 7.82
N LEU A 53 19.03 -52.39 9.04
CA LEU A 53 17.75 -52.95 9.45
C LEU A 53 17.75 -54.45 9.21
N GLU A 54 18.70 -55.13 9.83
CA GLU A 54 18.89 -56.57 9.62
C GLU A 54 17.61 -57.35 9.92
N THR A 55 17.11 -57.19 11.14
CA THR A 55 15.94 -57.94 11.58
C THR A 55 14.84 -57.01 12.09
N MET A 56 13.69 -57.58 12.43
CA MET A 56 12.59 -56.83 13.00
C MET A 56 13.03 -56.18 14.30
N GLU A 57 13.76 -56.92 15.11
CA GLU A 57 14.25 -56.43 16.39
C GLU A 57 15.13 -55.21 16.20
N LYS A 58 15.89 -55.20 15.10
CA LYS A 58 16.75 -54.07 14.78
C LYS A 58 15.89 -52.86 14.41
N PHE A 59 14.84 -53.11 13.64
CA PHE A 59 13.91 -52.04 13.25
C PHE A 59 13.26 -51.45 14.49
N LYS A 60 12.83 -52.32 15.40
CA LYS A 60 12.24 -51.90 16.66
C LYS A 60 13.22 -51.02 17.43
N GLU A 61 14.49 -51.42 17.41
CA GLU A 61 15.54 -50.69 18.11
C GLU A 61 15.73 -49.30 17.51
N ILE A 62 15.87 -49.22 16.19
CA ILE A 62 16.11 -47.96 15.52
C ILE A 62 14.94 -47.00 15.69
N PHE A 63 13.72 -47.54 15.71
CA PHE A 63 12.53 -46.73 15.86
C PHE A 63 12.53 -46.07 17.24
N LEU A 64 12.88 -46.85 18.27
CA LEU A 64 12.98 -46.32 19.63
C LEU A 64 13.96 -45.16 19.67
N ILE A 65 15.04 -45.26 18.90
CA ILE A 65 16.04 -44.20 18.84
C ILE A 65 15.50 -42.98 18.10
N SER A 66 14.72 -43.23 17.06
CA SER A 66 14.14 -42.16 16.26
C SER A 66 13.24 -41.26 17.09
N VAL A 67 12.38 -41.88 17.91
CA VAL A 67 11.43 -41.14 18.73
C VAL A 67 12.12 -40.50 19.93
N ASN A 68 13.01 -41.25 20.57
CA ASN A 68 13.72 -40.74 21.75
C ASN A 68 14.62 -39.56 21.38
N THR A 69 15.23 -39.63 20.21
CA THR A 69 16.08 -38.54 19.72
C THR A 69 15.22 -37.33 19.37
N GLU A 70 14.06 -37.59 18.78
CA GLU A 70 13.12 -36.53 18.44
C GLU A 70 12.76 -35.71 19.67
N ALA A 71 12.64 -36.39 20.81
CA ALA A 71 12.29 -35.73 22.06
C ALA A 71 13.40 -34.78 22.51
N LYS A 72 14.64 -35.23 22.40
CA LYS A 72 15.78 -34.42 22.81
C LYS A 72 15.87 -33.12 22.00
N LEU A 73 15.86 -33.26 20.68
CA LEU A 73 16.01 -32.10 19.80
C LEU A 73 14.85 -31.13 19.98
N LEU A 74 13.66 -31.66 20.22
CA LEU A 74 12.49 -30.83 20.47
C LEU A 74 12.62 -30.08 21.79
N TYR A 75 13.18 -30.74 22.80
CA TYR A 75 13.39 -30.12 24.09
C TYR A 75 14.36 -28.94 23.97
N ASN A 76 15.50 -29.19 23.33
CA ASN A 76 16.49 -28.15 23.10
C ASN A 76 15.92 -27.01 22.26
N LYS A 77 14.99 -27.36 21.37
CA LYS A 77 14.37 -26.38 20.48
C LYS A 77 13.49 -25.40 21.27
N ASN A 78 12.82 -25.90 22.30
CA ASN A 78 11.87 -25.09 23.06
C ASN A 78 12.43 -24.62 24.40
N GLU A 79 13.75 -24.43 24.46
CA GLU A 79 14.37 -23.87 25.66
C GLU A 79 14.11 -22.38 25.75
N GLY A 80 13.25 -21.99 26.69
CA GLY A 80 12.90 -20.60 26.86
C GLY A 80 11.47 -20.30 26.44
N LYS A 81 10.85 -21.25 25.75
CA LYS A 81 9.48 -21.10 25.29
C LYS A 81 8.51 -21.62 26.35
N ASP A 82 7.22 -21.40 26.12
CA ASP A 82 6.19 -21.94 27.00
C ASP A 82 6.21 -23.46 26.92
N PRO A 83 6.17 -24.13 28.09
CA PRO A 83 6.26 -25.60 28.13
C PRO A 83 5.10 -26.30 27.40
N SER A 84 4.03 -25.56 27.14
CA SER A 84 2.89 -26.13 26.42
C SER A 84 3.26 -26.44 24.97
N ILE A 85 4.25 -25.71 24.45
CA ILE A 85 4.72 -25.93 23.08
C ILE A 85 5.46 -27.26 22.98
N PHE A 86 6.42 -27.47 23.88
CA PHE A 86 7.18 -28.71 23.90
C PHE A 86 6.24 -29.91 24.09
N CYS A 87 5.17 -29.69 24.85
CA CYS A 87 4.17 -30.74 25.06
C CYS A 87 3.45 -31.06 23.76
N ASN A 88 3.00 -30.03 23.06
CA ASN A 88 2.25 -30.19 21.83
C ASN A 88 3.10 -30.78 20.70
N GLU A 89 4.36 -30.37 20.62
CA GLU A 89 5.24 -30.81 19.55
C GLU A 89 5.61 -32.29 19.70
N LEU A 90 5.74 -32.75 20.94
CA LEU A 90 6.01 -34.16 21.20
C LEU A 90 4.86 -35.02 20.70
N ARG A 91 3.64 -34.59 20.98
CA ARG A 91 2.45 -35.33 20.60
C ARG A 91 2.22 -35.28 19.10
N ASN A 92 2.46 -34.12 18.50
CA ASN A 92 2.29 -33.93 17.07
C ASN A 92 3.32 -34.70 16.26
N SER A 93 4.53 -34.83 16.82
CA SER A 93 5.60 -35.56 16.15
C SER A 93 5.41 -37.07 16.28
N PHE A 94 4.97 -37.51 17.45
CA PHE A 94 4.66 -38.91 17.66
C PHE A 94 3.54 -39.34 16.73
N SER A 95 2.61 -38.41 16.49
CA SER A 95 1.49 -38.66 15.59
C SER A 95 1.98 -38.77 14.15
N ASP A 96 2.98 -37.96 13.80
CA ASP A 96 3.55 -38.00 12.45
C ASP A 96 4.36 -39.27 12.24
N PHE A 97 5.00 -39.76 13.30
CA PHE A 97 5.71 -41.03 13.23
C PHE A 97 4.74 -42.15 12.86
N ARG A 98 3.53 -42.07 13.41
CA ARG A 98 2.49 -43.05 13.11
C ARG A 98 1.94 -42.84 11.72
N ASN A 99 1.28 -41.70 11.51
CA ASN A 99 0.63 -41.38 10.24
C ASN A 99 1.54 -41.64 9.04
N SER A 100 2.81 -41.26 9.17
CA SER A 100 3.77 -41.43 8.08
C SER A 100 4.14 -42.91 7.92
N PHE A 101 4.10 -43.65 9.03
CA PHE A 101 4.46 -45.06 9.01
C PHE A 101 3.33 -45.94 8.51
N ILE A 102 2.10 -45.42 8.55
CA ILE A 102 0.93 -46.19 8.11
C ILE A 102 0.39 -45.71 6.76
N GLY A 103 1.22 -44.97 6.02
CA GLY A 103 0.86 -44.56 4.67
C GLY A 103 0.05 -43.28 4.60
N ASP A 104 -0.43 -42.79 5.74
CA ASP A 104 -1.23 -41.59 5.76
C ASP A 104 -0.34 -40.36 5.97
N ASP A 105 0.20 -39.84 4.87
CA ASP A 105 1.10 -38.69 4.94
C ASP A 105 0.92 -37.75 3.75
N MET A 106 1.00 -36.45 4.01
CA MET A 106 0.91 -35.44 2.97
C MET A 106 2.30 -34.95 2.57
N ASP A 107 3.21 -34.96 3.54
CA ASP A 107 4.58 -34.52 3.30
C ASP A 107 5.27 -35.46 2.30
N PHE A 108 6.20 -34.90 1.52
CA PHE A 108 6.92 -35.67 0.51
C PHE A 108 8.32 -35.13 0.31
N GLY A 109 9.05 -35.72 -0.64
CA GLY A 109 10.40 -35.28 -0.96
C GLY A 109 11.38 -35.55 0.17
N GLY A 110 12.66 -35.26 -0.09
CA GLY A 110 13.70 -35.44 0.89
C GLY A 110 13.75 -36.86 1.44
N ASN A 111 13.88 -36.97 2.75
CA ASN A 111 13.97 -38.28 3.40
C ASN A 111 12.60 -38.84 3.75
N THR A 112 11.57 -38.01 3.62
CA THR A 112 10.20 -38.45 3.88
C THR A 112 9.83 -39.61 2.99
N ASP A 113 10.25 -39.55 1.73
CA ASP A 113 10.00 -40.61 0.77
C ASP A 113 11.16 -41.60 0.72
N ARG A 114 12.36 -41.11 1.03
CA ARG A 114 13.55 -41.94 1.02
C ARG A 114 13.49 -42.98 2.13
N VAL A 115 12.91 -42.60 3.26
CA VAL A 115 12.73 -43.50 4.38
C VAL A 115 11.48 -44.34 4.18
N LYS A 116 10.43 -43.72 3.65
CA LYS A 116 9.19 -44.42 3.34
C LYS A 116 9.47 -45.64 2.46
N GLY A 117 10.17 -45.41 1.36
CA GLY A 117 10.49 -46.47 0.43
C GLY A 117 11.32 -47.56 1.06
N TYR A 118 12.29 -47.17 1.89
CA TYR A 118 13.16 -48.13 2.54
C TYR A 118 12.38 -49.00 3.51
N ILE A 119 11.59 -48.36 4.37
CA ILE A 119 10.76 -49.08 5.34
C ILE A 119 9.84 -50.06 4.62
N ASN A 120 9.15 -49.58 3.59
CA ASN A 120 8.26 -50.43 2.82
C ASN A 120 8.99 -51.62 2.22
N LYS A 121 10.23 -51.38 1.77
CA LYS A 121 11.03 -52.43 1.15
C LYS A 121 11.45 -53.49 2.17
N LYS A 122 11.89 -53.04 3.34
CA LYS A 122 12.33 -53.96 4.39
C LYS A 122 11.15 -54.75 4.94
N PHE A 123 9.99 -54.11 5.02
CA PHE A 123 8.78 -54.79 5.46
C PHE A 123 8.31 -55.79 4.41
N SER A 124 8.58 -55.48 3.14
CA SER A 124 8.27 -56.40 2.06
C SER A 124 9.19 -57.61 2.12
N ASP A 125 10.31 -57.47 2.80
CA ASP A 125 11.24 -58.57 3.00
C ASP A 125 10.96 -59.31 4.30
N TYR A 126 10.56 -58.57 5.32
CA TYR A 126 10.24 -59.15 6.62
C TYR A 126 9.05 -60.10 6.50
N TYR A 127 7.94 -59.58 5.98
CA TYR A 127 6.72 -60.37 5.82
C TYR A 127 6.69 -61.08 4.48
N LYS A 128 7.63 -60.76 3.60
CA LYS A 128 7.67 -61.36 2.26
C LYS A 128 6.35 -61.14 1.55
N GLU A 129 5.85 -59.90 1.62
CA GLU A 129 4.60 -59.52 0.97
C GLU A 129 4.79 -58.19 0.24
N LYS A 130 4.44 -58.16 -1.03
CA LYS A 130 4.70 -56.98 -1.86
C LYS A 130 3.42 -56.24 -2.24
N ASN A 131 2.30 -56.59 -1.61
CA ASN A 131 1.05 -55.88 -1.81
C ASN A 131 1.01 -54.63 -0.94
N VAL A 132 0.90 -53.46 -1.58
CA VAL A 132 0.96 -52.18 -0.89
C VAL A 132 -0.12 -52.08 0.18
N GLU A 133 -1.36 -52.41 -0.19
CA GLU A 133 -2.48 -52.31 0.74
C GLU A 133 -2.28 -53.25 1.94
N LYS A 134 -1.88 -54.49 1.65
CA LYS A 134 -1.64 -55.47 2.70
C LYS A 134 -0.58 -54.97 3.67
N LEU A 135 0.52 -54.47 3.11
CA LEU A 135 1.61 -53.94 3.93
C LEU A 135 1.11 -52.85 4.86
N ASN A 136 0.30 -51.94 4.32
CA ASN A 136 -0.27 -50.86 5.13
C ASN A 136 -0.95 -51.42 6.37
N ASN A 137 -1.76 -52.46 6.19
CA ASN A 137 -2.45 -53.11 7.29
C ASN A 137 -1.46 -53.73 8.27
N ILE A 138 -0.45 -54.41 7.73
CA ILE A 138 0.57 -55.04 8.55
C ILE A 138 1.28 -54.02 9.44
N LYS A 139 1.57 -52.86 8.86
CA LYS A 139 2.24 -51.80 9.60
C LYS A 139 1.33 -51.21 10.67
N LYS A 140 0.06 -51.01 10.31
CA LYS A 140 -0.92 -50.49 11.25
C LYS A 140 -1.07 -51.43 12.44
N GLU A 141 -1.06 -52.73 12.17
CA GLU A 141 -1.12 -53.73 13.23
C GLU A 141 0.15 -53.69 14.08
N TRP A 142 1.29 -53.56 13.42
CA TRP A 142 2.57 -53.49 14.11
C TRP A 142 2.60 -52.29 15.06
N TRP A 143 2.12 -51.16 14.58
CA TRP A 143 2.10 -49.94 15.39
C TRP A 143 1.22 -50.11 16.61
N GLU A 144 0.02 -50.66 16.40
CA GLU A 144 -0.93 -50.89 17.47
C GLU A 144 -0.27 -51.68 18.61
N LYS A 145 0.66 -52.56 18.25
CA LYS A 145 1.29 -53.45 19.21
C LYS A 145 2.64 -52.92 19.71
N ASN A 146 3.10 -51.81 19.12
CA ASN A 146 4.37 -51.20 19.53
C ASN A 146 4.25 -49.72 19.89
N LYS A 147 3.07 -49.15 19.69
CA LYS A 147 2.88 -47.72 19.93
C LYS A 147 3.10 -47.36 21.40
N ALA A 148 2.64 -48.24 22.29
CA ALA A 148 2.78 -48.01 23.73
C ALA A 148 4.24 -47.91 24.11
N ASN A 149 5.04 -48.90 23.72
CA ASN A 149 6.46 -48.93 24.06
C ASN A 149 7.23 -47.79 23.42
N LEU A 150 6.75 -47.32 22.27
CA LEU A 150 7.39 -46.21 21.56
C LEU A 150 7.16 -44.89 22.29
N TRP A 151 5.89 -44.60 22.60
CA TRP A 151 5.54 -43.38 23.29
C TRP A 151 6.24 -43.29 24.65
N ASN A 152 6.15 -44.35 25.42
CA ASN A 152 6.79 -44.40 26.74
C ASN A 152 8.27 -44.08 26.66
N HIS A 153 8.94 -44.59 25.63
CA HIS A 153 10.37 -44.40 25.46
C HIS A 153 10.69 -43.04 24.85
N MET A 154 9.71 -42.44 24.18
CA MET A 154 9.90 -41.14 23.56
C MET A 154 9.96 -40.03 24.62
N ILE A 155 9.12 -40.16 25.65
CA ILE A 155 9.04 -39.15 26.70
C ILE A 155 9.68 -39.65 27.99
N VAL A 156 10.50 -40.69 27.90
CA VAL A 156 11.12 -41.28 29.07
C VAL A 156 12.05 -40.30 29.78
N ASN A 157 12.74 -39.48 28.99
CA ASN A 157 13.69 -38.52 29.55
C ASN A 157 13.12 -37.11 29.63
N HIS A 158 11.80 -36.99 29.48
CA HIS A 158 11.16 -35.68 29.53
C HIS A 158 9.79 -35.76 30.21
N LYS A 159 9.59 -36.78 31.03
CA LYS A 159 8.34 -36.92 31.77
C LYS A 159 8.17 -35.79 32.79
N GLY A 160 9.29 -35.37 33.37
CA GLY A 160 9.27 -34.33 34.39
C GLY A 160 9.35 -32.93 33.82
N ASN A 161 9.23 -32.81 32.50
CA ASN A 161 9.26 -31.50 31.85
C ASN A 161 7.93 -31.19 31.15
N ILE A 162 6.93 -32.03 31.38
CA ILE A 162 5.61 -31.84 30.80
C ILE A 162 4.54 -32.15 31.84
N ALA A 163 3.36 -31.56 31.67
CA ALA A 163 2.25 -31.79 32.57
C ALA A 163 1.89 -33.28 32.58
N LYS A 164 1.33 -33.74 33.70
CA LYS A 164 0.95 -35.13 33.83
C LYS A 164 -0.06 -35.53 32.75
N GLU A 165 -0.86 -34.55 32.31
CA GLU A 165 -1.87 -34.79 31.29
C GLU A 165 -1.23 -35.01 29.92
N CYS A 166 -0.06 -34.39 29.72
CA CYS A 166 0.66 -34.50 28.46
C CYS A 166 1.40 -35.82 28.34
N ALA A 167 1.60 -36.49 29.47
CA ALA A 167 2.34 -37.75 29.50
C ALA A 167 1.49 -38.91 28.97
N ILE A 168 0.21 -38.65 28.73
CA ILE A 168 -0.68 -39.68 28.20
C ILE A 168 -0.54 -39.77 26.68
N ILE A 169 -0.42 -41.00 26.18
CA ILE A 169 -0.26 -41.22 24.75
C ILE A 169 -1.34 -40.48 23.95
N PRO A 170 -0.94 -39.77 22.88
CA PRO A 170 -1.90 -39.03 22.06
C PRO A 170 -2.97 -39.92 21.45
N ALA A 171 -4.17 -39.38 21.28
CA ALA A 171 -5.26 -40.11 20.63
C ALA A 171 -5.00 -40.20 19.14
N GLU A 172 -5.30 -41.36 18.56
CA GLU A 172 -5.06 -41.58 17.13
C GLU A 172 -6.08 -40.82 16.29
N GLU A 173 -5.58 -39.97 15.40
CA GLU A 173 -6.44 -39.19 14.52
C GLU A 173 -5.77 -39.01 13.17
N PRO A 174 -6.55 -38.67 12.13
CA PRO A 174 -5.98 -38.41 10.81
C PRO A 174 -4.92 -37.31 10.88
N GLN A 175 -3.95 -37.37 9.98
CA GLN A 175 -2.85 -36.41 9.99
C GLN A 175 -3.36 -34.97 9.86
N ILE A 176 -4.20 -34.74 8.86
CA ILE A 176 -4.70 -33.40 8.58
C ILE A 176 -5.50 -32.84 9.76
N ASN A 177 -6.24 -33.71 10.44
CA ASN A 177 -7.01 -33.32 11.61
C ASN A 177 -6.10 -32.74 12.69
N LEU A 178 -4.88 -33.28 12.77
CA LEU A 178 -3.92 -32.83 13.78
C LEU A 178 -3.11 -31.64 13.28
N TRP A 179 -2.89 -31.57 11.97
CA TRP A 179 -2.15 -30.46 11.39
C TRP A 179 -2.96 -29.17 11.45
N ILE A 180 -4.26 -29.27 11.18
CA ILE A 180 -5.14 -28.12 11.28
C ILE A 180 -5.17 -27.60 12.71
N LYS A 181 -5.21 -28.51 13.67
CA LYS A 181 -5.16 -28.14 15.08
C LYS A 181 -3.87 -27.42 15.42
N GLU A 182 -2.75 -28.03 15.04
CA GLU A 182 -1.44 -27.46 15.32
C GLU A 182 -1.28 -26.10 14.67
N TRP A 183 -1.60 -26.04 13.37
CA TRP A 183 -1.49 -24.80 12.62
C TRP A 183 -2.30 -23.69 13.29
N ASN A 184 -3.47 -24.05 13.82
CA ASN A 184 -4.33 -23.09 14.49
C ASN A 184 -3.65 -22.47 15.70
N GLU A 185 -3.09 -23.33 16.56
CA GLU A 185 -2.39 -22.87 17.75
C GLU A 185 -1.20 -21.98 17.38
N ASN A 186 -0.50 -22.35 16.30
CA ASN A 186 0.62 -21.55 15.83
C ASN A 186 0.16 -20.20 15.28
N PHE A 187 -0.99 -20.20 14.63
CA PHE A 187 -1.56 -18.99 14.05
C PHE A 187 -1.97 -18.00 15.15
N LEU A 188 -2.81 -18.45 16.06
CA LEU A 188 -3.30 -17.61 17.14
C LEU A 188 -2.16 -17.12 18.03
N MET A 189 -1.22 -18.01 18.32
CA MET A 189 -0.07 -17.68 19.16
C MET A 189 0.76 -16.58 18.51
N GLU A 190 1.00 -16.73 17.21
CA GLU A 190 1.80 -15.74 16.49
C GLU A 190 1.02 -14.45 16.28
N LYS A 191 -0.30 -14.57 16.13
CA LYS A 191 -1.15 -13.41 15.93
C LYS A 191 -1.12 -12.50 17.16
N LYS A 192 -1.09 -13.12 18.34
CA LYS A 192 -0.95 -12.38 19.58
C LYS A 192 0.33 -11.54 19.56
N ARG A 193 1.46 -12.24 19.56
CA ARG A 193 2.76 -11.59 19.59
C ARG A 193 2.82 -10.39 18.65
N LEU A 194 2.43 -10.61 17.40
CA LEU A 194 2.49 -9.56 16.39
C LEU A 194 1.60 -8.37 16.74
N PHE A 195 0.41 -8.66 17.25
CA PHE A 195 -0.54 -7.60 17.59
C PHE A 195 -0.13 -6.87 18.87
N LEU A 196 0.63 -7.55 19.73
CA LEU A 196 1.14 -6.92 20.94
C LEU A 196 2.18 -5.87 20.57
N ASN A 197 3.01 -6.18 19.58
CA ASN A 197 4.00 -5.23 19.09
C ASN A 197 3.31 -4.03 18.44
N ILE A 198 2.14 -4.25 17.88
CA ILE A 198 1.36 -3.16 17.30
C ILE A 198 0.89 -2.21 18.39
N LYS A 199 0.28 -2.76 19.44
CA LYS A 199 -0.19 -1.94 20.55
C LYS A 199 0.97 -1.21 21.22
N ASP A 200 2.10 -1.89 21.34
CA ASP A 200 3.28 -1.34 22.01
C ASP A 200 3.88 -0.18 21.22
N LYS A 201 3.82 -0.27 19.89
CA LYS A 201 4.43 0.74 19.04
C LYS A 201 3.43 1.80 18.59
N CYS A 202 2.16 1.42 18.53
CA CYS A 202 1.11 2.31 18.04
C CYS A 202 0.36 2.98 19.19
N VAL A 203 0.37 2.34 20.35
CA VAL A 203 -0.34 2.85 21.52
C VAL A 203 -1.84 2.96 21.22
N GLU A 204 -2.31 4.16 20.88
CA GLU A 204 -3.70 4.36 20.49
C GLU A 204 -3.82 5.11 19.17
N ASN A 205 -2.67 5.38 18.54
CA ASN A 205 -2.65 6.07 17.26
C ASN A 205 -3.37 7.41 17.31
N LYS A 206 -3.32 8.06 18.48
CA LYS A 206 -3.95 9.36 18.65
C LYS A 206 -2.95 10.48 18.36
N LYS A 207 -1.67 10.15 18.40
CA LYS A 207 -0.61 11.11 18.07
C LYS A 207 0.00 10.81 16.71
N TYR A 208 -0.81 10.21 15.83
CA TYR A 208 -0.36 9.88 14.48
C TYR A 208 0.83 8.94 14.48
N GLU A 209 0.82 7.96 15.38
CA GLU A 209 1.87 6.96 15.42
C GLU A 209 1.81 6.12 14.15
N ALA A 210 0.61 5.87 13.67
CA ALA A 210 0.41 5.01 12.50
C ALA A 210 0.93 5.64 11.21
N CYS A 211 1.51 6.83 11.30
CA CYS A 211 2.07 7.49 10.13
C CYS A 211 3.60 7.46 10.13
N PHE A 212 4.16 6.68 11.05
CA PHE A 212 5.62 6.57 11.15
C PHE A 212 6.05 5.10 11.23
N GLY A 213 7.31 4.85 10.89
CA GLY A 213 7.84 3.51 10.85
C GLY A 213 7.58 2.71 12.12
N GLY A 214 7.72 3.38 13.27
CA GLY A 214 7.53 2.72 14.54
C GLY A 214 6.29 1.85 14.59
N CYS A 215 5.18 2.39 14.12
CA CYS A 215 3.89 1.68 14.17
C CYS A 215 3.53 1.02 12.84
N ARG A 216 3.96 1.62 11.74
CA ARG A 216 3.60 1.11 10.42
C ARG A 216 4.31 -0.21 10.11
N LEU A 217 5.57 -0.32 10.52
CA LEU A 217 6.36 -1.52 10.26
C LEU A 217 5.73 -2.76 10.90
N PRO A 218 5.44 -2.69 12.21
CA PRO A 218 4.79 -3.85 12.85
C PRO A 218 3.38 -4.10 12.33
N CYS A 219 2.69 -3.04 11.92
CA CYS A 219 1.35 -3.16 11.35
C CYS A 219 1.40 -3.91 10.03
N SER A 220 2.40 -3.58 9.20
CA SER A 220 2.56 -4.23 7.90
C SER A 220 3.11 -5.64 8.06
N SER A 221 3.88 -5.87 9.13
CA SER A 221 4.39 -7.19 9.44
C SER A 221 3.22 -8.11 9.81
N TYR A 222 2.24 -7.54 10.50
CA TYR A 222 1.03 -8.26 10.86
C TYR A 222 0.21 -8.55 9.62
N THR A 223 0.21 -7.61 8.69
CA THR A 223 -0.57 -7.73 7.46
C THR A 223 -0.09 -8.91 6.62
N SER A 224 1.22 -8.97 6.38
CA SER A 224 1.80 -10.02 5.57
C SER A 224 1.61 -11.39 6.22
N PHE A 225 1.48 -11.40 7.54
CA PHE A 225 1.27 -12.64 8.27
C PHE A 225 -0.15 -13.17 8.06
N MET A 226 -1.10 -12.25 8.00
CA MET A 226 -2.50 -12.61 7.77
C MET A 226 -2.70 -13.10 6.34
N LYS A 227 -1.96 -12.50 5.41
CA LYS A 227 -2.03 -12.90 4.01
C LYS A 227 -1.52 -14.33 3.83
N LYS A 228 -0.34 -14.60 4.39
CA LYS A 228 0.22 -15.94 4.36
C LYS A 228 -0.71 -16.94 5.05
N SER A 229 -1.11 -16.59 6.27
CA SER A 229 -1.96 -17.46 7.07
C SER A 229 -3.23 -17.87 6.33
N LYS A 230 -3.89 -16.89 5.70
CA LYS A 230 -5.13 -17.16 4.99
C LYS A 230 -4.92 -18.17 3.87
N THR A 231 -3.96 -17.89 3.00
CA THR A 231 -3.67 -18.79 1.87
C THR A 231 -3.33 -20.19 2.38
N GLN A 232 -2.60 -20.26 3.48
CA GLN A 232 -2.21 -21.54 4.05
C GLN A 232 -3.41 -22.33 4.54
N MET A 233 -4.30 -21.66 5.27
CA MET A 233 -5.47 -22.33 5.83
C MET A 233 -6.45 -22.70 4.73
N GLU A 234 -6.50 -21.91 3.67
CA GLU A 234 -7.34 -22.21 2.51
C GLU A 234 -6.98 -23.57 1.95
N VAL A 235 -5.68 -23.90 1.97
CA VAL A 235 -5.21 -25.19 1.52
C VAL A 235 -5.62 -26.28 2.51
N LEU A 236 -5.25 -26.07 3.77
CA LEU A 236 -5.58 -27.02 4.83
C LEU A 236 -7.08 -27.29 4.88
N THR A 237 -7.87 -26.28 4.52
CA THR A 237 -9.32 -26.41 4.49
C THR A 237 -9.75 -27.32 3.35
N ASN A 238 -9.22 -27.08 2.17
CA ASN A 238 -9.58 -27.85 0.98
C ASN A 238 -9.17 -29.33 1.12
N LEU A 239 -8.03 -29.57 1.74
CA LEU A 239 -7.53 -30.93 1.90
C LEU A 239 -8.41 -31.73 2.85
N TYR A 240 -8.95 -31.07 3.87
CA TYR A 240 -9.86 -31.73 4.80
C TYR A 240 -11.13 -32.14 4.08
N LYS A 241 -11.73 -31.20 3.36
CA LYS A 241 -12.93 -31.46 2.58
C LYS A 241 -12.68 -32.61 1.62
N LYS A 242 -11.60 -32.50 0.84
CA LYS A 242 -11.25 -33.50 -0.16
C LYS A 242 -11.07 -34.88 0.45
N LYS A 243 -10.35 -34.95 1.56
CA LYS A 243 -10.08 -36.22 2.23
C LYS A 243 -11.30 -36.76 2.96
N ASN A 244 -12.31 -35.90 3.12
CA ASN A 244 -13.56 -36.31 3.76
C ASN A 244 -14.75 -36.19 2.80
N SER A 245 -14.55 -36.68 1.58
CA SER A 245 -15.61 -36.70 0.57
C SER A 245 -16.19 -35.31 0.33
N GLY A 246 -15.32 -34.31 0.25
CA GLY A 246 -15.74 -32.94 0.01
C GLY A 246 -16.76 -32.46 1.02
N VAL A 247 -16.75 -33.04 2.20
CA VAL A 247 -17.69 -32.68 3.26
C VAL A 247 -16.96 -32.37 4.57
N ASP A 248 -17.44 -31.35 5.27
CA ASP A 248 -16.88 -30.98 6.56
C ASP A 248 -17.41 -31.94 7.62
N LYS A 249 -16.95 -33.20 7.57
CA LYS A 249 -17.44 -34.24 8.46
C LYS A 249 -17.29 -33.83 9.92
N ASN A 250 -18.31 -34.14 10.72
CA ASN A 250 -18.31 -33.83 12.14
C ASN A 250 -18.16 -32.35 12.42
N ASN A 251 -18.52 -31.53 11.44
CA ASN A 251 -18.42 -30.08 11.58
C ASN A 251 -17.10 -29.65 12.20
N PHE A 252 -16.03 -30.36 11.82
CA PHE A 252 -14.70 -30.10 12.36
C PHE A 252 -14.26 -28.66 12.10
N LEU A 253 -14.53 -28.18 10.89
CA LEU A 253 -14.16 -26.82 10.51
C LEU A 253 -15.15 -25.82 11.08
N ASN A 254 -16.44 -26.07 10.86
CA ASN A 254 -17.48 -25.18 11.36
C ASN A 254 -17.30 -24.88 12.84
N ASP A 255 -16.98 -25.90 13.61
CA ASP A 255 -16.74 -25.74 15.04
C ASP A 255 -15.47 -24.94 15.26
N LEU A 256 -14.38 -25.37 14.61
CA LEU A 256 -13.08 -24.71 14.76
C LEU A 256 -13.22 -23.20 14.57
N PHE A 257 -14.13 -22.78 13.71
CA PHE A 257 -14.35 -21.37 13.45
C PHE A 257 -15.04 -20.69 14.63
N LYS A 258 -16.06 -21.35 15.17
CA LYS A 258 -16.82 -20.78 16.28
C LYS A 258 -16.01 -20.80 17.57
N LYS A 259 -15.03 -21.69 17.66
CA LYS A 259 -14.16 -21.76 18.82
C LYS A 259 -13.37 -20.47 18.98
N ASN A 260 -13.19 -19.74 17.88
CA ASN A 260 -12.47 -18.48 17.90
C ASN A 260 -13.40 -17.29 17.66
N ASN A 261 -14.70 -17.53 17.82
CA ASN A 261 -15.70 -16.49 17.63
C ASN A 261 -15.71 -15.92 16.22
N LYS A 262 -15.52 -16.79 15.24
CA LYS A 262 -15.56 -16.39 13.83
C LYS A 262 -16.50 -17.30 13.06
N ASN A 263 -17.01 -16.80 11.93
CA ASN A 263 -17.96 -17.56 11.11
C ASN A 263 -17.26 -18.49 10.13
N ASP A 264 -16.64 -17.91 9.11
CA ASP A 264 -15.95 -18.70 8.08
C ASP A 264 -14.55 -18.13 7.84
N LEU A 265 -13.85 -18.71 6.87
CA LEU A 265 -12.49 -18.28 6.55
C LEU A 265 -12.42 -16.78 6.34
N ASP A 266 -13.22 -16.27 5.40
CA ASP A 266 -13.24 -14.85 5.09
C ASP A 266 -13.29 -14.01 6.37
N ASP A 267 -14.32 -14.24 7.17
CA ASP A 267 -14.50 -13.50 8.42
C ASP A 267 -13.36 -13.78 9.41
N PHE A 268 -12.74 -14.95 9.27
CA PHE A 268 -11.66 -15.35 10.16
C PHE A 268 -10.45 -14.44 10.03
N PHE A 269 -10.35 -13.74 8.91
CA PHE A 269 -9.22 -12.85 8.65
C PHE A 269 -9.63 -11.40 8.44
N LYS A 270 -10.94 -11.13 8.47
CA LYS A 270 -11.43 -9.77 8.34
C LYS A 270 -10.83 -8.87 9.42
N ASN A 271 -9.97 -7.93 9.01
CA ASN A 271 -9.33 -7.02 9.93
C ASN A 271 -10.36 -6.30 10.80
N GLU A 272 -10.26 -6.50 12.11
CA GLU A 272 -11.19 -5.90 13.06
C GLU A 272 -11.05 -4.38 13.08
N LYS A 273 -12.08 -3.71 13.59
CA LYS A 273 -12.08 -2.25 13.69
C LYS A 273 -10.87 -1.78 14.47
N GLU A 274 -10.44 -2.57 15.45
CA GLU A 274 -9.32 -2.22 16.30
C GLU A 274 -8.04 -2.00 15.49
N TYR A 275 -7.79 -2.90 14.52
CA TYR A 275 -6.59 -2.81 13.70
C TYR A 275 -6.52 -1.47 12.97
N ASP A 276 -7.57 -1.14 12.24
CA ASP A 276 -7.62 0.09 11.47
C ASP A 276 -7.37 1.31 12.37
N ASP A 277 -7.86 1.24 13.59
CA ASP A 277 -7.75 2.35 14.53
C ASP A 277 -6.30 2.59 14.97
N LEU A 278 -5.45 1.59 14.78
CA LEU A 278 -4.07 1.66 15.25
C LEU A 278 -3.03 1.67 14.12
N CYS A 279 -3.42 1.18 12.94
CA CYS A 279 -2.47 1.04 11.84
C CYS A 279 -2.73 2.00 10.68
N ASP A 280 -3.89 2.66 10.68
CA ASP A 280 -4.23 3.59 9.61
C ASP A 280 -3.82 5.02 9.96
N CYS A 281 -2.83 5.54 9.24
CA CYS A 281 -2.44 6.94 9.40
C CYS A 281 -3.68 7.80 9.20
N ARG A 282 -4.12 8.44 10.27
CA ARG A 282 -5.42 9.10 10.29
C ARG A 282 -5.47 10.37 9.44
N TYR A 283 -4.31 10.89 9.03
CA TYR A 283 -4.28 12.07 8.18
C TYR A 283 -3.96 11.71 6.73
N THR A 284 -4.04 10.42 6.41
CA THR A 284 -3.88 9.96 5.02
C THR A 284 -4.90 8.88 4.70
N ALA A 285 -4.67 7.67 5.24
CA ALA A 285 -5.52 6.52 4.94
C ALA A 285 -6.99 6.80 5.25
N THR A 286 -7.26 7.20 6.49
CA THR A 286 -8.63 7.41 6.95
C THR A 286 -9.43 8.26 5.96
N ILE A 287 -8.85 9.35 5.49
CA ILE A 287 -9.54 10.24 4.57
C ILE A 287 -9.65 9.64 3.18
N ILE A 288 -8.56 9.05 2.70
CA ILE A 288 -8.56 8.41 1.39
C ILE A 288 -9.71 7.41 1.29
N LYS A 289 -9.87 6.60 2.32
CA LYS A 289 -10.95 5.62 2.36
C LYS A 289 -12.31 6.32 2.32
N SER A 290 -12.41 7.44 3.01
CA SER A 290 -13.65 8.21 3.05
C SER A 290 -14.00 8.78 1.68
N PHE A 291 -12.98 9.12 0.91
CA PHE A 291 -13.18 9.71 -0.42
C PHE A 291 -13.44 8.64 -1.47
N LEU A 292 -12.88 7.45 -1.29
CA LEU A 292 -13.02 6.38 -2.26
C LEU A 292 -14.14 5.42 -1.91
N ASN A 293 -14.59 5.44 -0.65
CA ASN A 293 -15.65 4.55 -0.21
C ASN A 293 -16.60 5.21 0.78
N GLY A 294 -16.05 5.81 1.82
CA GLY A 294 -16.86 6.40 2.87
C GLY A 294 -17.66 7.61 2.44
N PRO A 295 -18.28 8.31 3.40
CA PRO A 295 -19.13 9.49 3.20
C PRO A 295 -18.66 10.44 2.09
N ALA A 296 -17.43 10.94 2.22
CA ALA A 296 -16.91 11.95 1.31
C ALA A 296 -17.13 11.57 -0.16
N LYS A 297 -17.08 10.27 -0.45
CA LYS A 297 -17.24 9.78 -1.82
C LYS A 297 -18.49 10.36 -2.48
N ASN A 298 -19.58 10.40 -1.72
CA ASN A 298 -20.87 10.83 -2.27
C ASN A 298 -21.25 12.24 -1.83
N ASP A 299 -21.09 12.52 -0.53
CA ASP A 299 -21.46 13.82 0.01
C ASP A 299 -20.35 14.83 -0.19
N VAL A 300 -20.64 15.87 -0.98
CA VAL A 300 -19.67 16.92 -1.26
C VAL A 300 -19.42 17.77 -0.02
N ASP A 301 -20.47 18.00 0.76
CA ASP A 301 -20.37 18.80 1.97
C ASP A 301 -19.37 18.19 2.94
N ILE A 302 -19.37 16.87 3.05
CA ILE A 302 -18.46 16.16 3.94
C ILE A 302 -17.04 16.16 3.38
N ALA A 303 -16.95 16.01 2.06
CA ALA A 303 -15.64 15.99 1.38
C ALA A 303 -14.99 17.37 1.44
N SER A 304 -15.77 18.39 1.76
CA SER A 304 -15.27 19.76 1.82
C SER A 304 -14.76 20.10 3.21
N GLN A 305 -15.39 19.54 4.24
CA GLN A 305 -15.00 19.82 5.62
C GLN A 305 -13.56 19.39 5.85
N ILE A 306 -12.74 20.31 6.34
CA ILE A 306 -11.31 20.06 6.53
C ILE A 306 -10.98 19.79 7.99
N ASN A 307 -10.06 18.87 8.21
CA ASN A 307 -9.55 18.58 9.55
C ASN A 307 -8.17 19.21 9.71
N VAL A 308 -8.12 20.38 10.34
CA VAL A 308 -6.89 21.15 10.47
C VAL A 308 -5.74 20.31 11.01
N ASN A 309 -6.00 19.59 12.10
CA ASN A 309 -4.98 18.74 12.72
C ASN A 309 -4.34 17.79 11.71
N ASP A 310 -5.18 17.15 10.90
CA ASP A 310 -4.70 16.21 9.89
C ASP A 310 -4.00 16.96 8.75
N LEU A 311 -4.55 18.12 8.39
CA LEU A 311 -3.98 18.93 7.32
C LEU A 311 -2.53 19.30 7.63
N ARG A 312 -2.33 19.99 8.75
CA ARG A 312 -1.00 20.42 9.15
C ARG A 312 -0.14 19.23 9.58
N GLY A 313 -0.80 18.13 9.93
CA GLY A 313 -0.09 16.90 10.24
C GLY A 313 0.51 16.30 8.99
N PHE A 314 -0.14 16.53 7.86
CA PHE A 314 0.34 16.04 6.57
C PHE A 314 1.44 16.95 6.03
N GLY A 315 1.38 18.22 6.39
CA GLY A 315 2.39 19.19 5.98
C GLY A 315 1.86 20.20 4.98
N CYS A 316 0.68 20.74 5.26
CA CYS A 316 0.08 21.75 4.40
C CYS A 316 -0.70 22.77 5.21
N ASN A 317 -1.12 23.85 4.56
CA ASN A 317 -1.83 24.93 5.24
C ASN A 317 -2.78 25.65 4.29
N TYR A 318 -3.81 26.28 4.85
CA TYR A 318 -4.78 27.03 4.06
C TYR A 318 -4.09 27.97 3.08
N LYS A 319 -4.71 28.16 1.92
CA LYS A 319 -4.19 29.09 0.93
C LYS A 319 -4.28 30.51 1.46
N SER A 320 -3.12 31.10 1.75
CA SER A 320 -3.07 32.43 2.35
C SER A 320 -4.00 33.40 1.64
N ASN A 321 -4.68 34.23 2.41
CA ASN A 321 -5.59 35.23 1.86
C ASN A 321 -4.87 36.14 0.87
N ASN A 322 -3.60 36.41 1.14
CA ASN A 322 -2.79 37.22 0.24
C ASN A 322 -2.65 36.54 -1.12
N GLU A 323 -2.14 37.29 -2.08
CA GLU A 323 -1.94 36.75 -3.43
C GLU A 323 -0.48 36.92 -3.86
N LYS A 324 0.17 35.80 -4.15
CA LYS A 324 1.57 35.81 -4.57
C LYS A 324 1.67 36.13 -6.05
N SER A 325 2.70 36.88 -6.43
CA SER A 325 2.92 37.23 -7.83
C SER A 325 3.48 36.02 -8.59
N TRP A 326 3.20 35.98 -9.88
CA TRP A 326 3.69 34.90 -10.73
C TRP A 326 5.22 34.92 -10.78
N ASN A 327 5.83 33.81 -10.40
CA ASN A 327 7.28 33.70 -10.39
C ASN A 327 7.83 33.52 -11.80
N CYS A 328 8.53 34.53 -12.29
CA CYS A 328 9.13 34.47 -13.62
C CYS A 328 10.64 34.66 -13.55
N ALA A 329 11.23 34.33 -12.40
CA ALA A 329 12.65 34.49 -12.20
C ALA A 329 13.22 33.35 -11.35
N GLY A 330 12.60 32.19 -11.42
CA GLY A 330 13.07 31.02 -10.69
C GLY A 330 14.22 30.36 -11.43
N THR A 331 14.89 29.42 -10.78
CA THR A 331 16.00 28.72 -11.39
C THR A 331 15.55 27.96 -12.62
N PHE A 332 14.27 27.60 -12.67
CA PHE A 332 13.71 26.87 -13.79
C PHE A 332 13.78 27.67 -15.08
N THR A 333 13.72 29.00 -14.96
CA THR A 333 13.73 29.87 -16.13
C THR A 333 15.00 29.68 -16.96
N ASN A 334 16.06 29.24 -16.31
CA ASN A 334 17.33 28.99 -17.01
C ASN A 334 17.16 28.01 -18.15
N LYS A 335 16.47 26.91 -17.89
CA LYS A 335 16.23 25.89 -18.90
C LYS A 335 14.95 26.18 -19.68
N PHE A 336 14.00 26.85 -19.03
CA PHE A 336 12.73 27.19 -19.65
C PHE A 336 12.44 28.68 -19.50
N PRO A 337 13.17 29.52 -20.24
CA PRO A 337 12.99 30.97 -20.18
C PRO A 337 11.62 31.41 -20.69
N GLY A 338 10.99 32.35 -20.00
CA GLY A 338 9.70 32.86 -20.41
C GLY A 338 8.56 32.29 -19.58
N THR A 339 8.81 31.16 -18.93
CA THR A 339 7.78 30.49 -18.14
C THR A 339 7.47 31.28 -16.87
N CYS A 340 6.20 31.25 -16.46
CA CYS A 340 5.78 31.89 -15.22
C CYS A 340 4.99 30.91 -14.36
N GLU A 341 5.56 30.59 -13.20
CA GLU A 341 4.93 29.63 -12.29
C GLU A 341 3.68 30.21 -11.66
N PRO A 342 2.52 29.56 -11.87
CA PRO A 342 1.27 30.03 -11.27
C PRO A 342 1.33 30.01 -9.74
N PRO A 343 0.86 31.08 -9.08
CA PRO A 343 0.85 31.13 -7.62
C PRO A 343 0.26 29.87 -7.01
N ARG A 344 -0.74 29.30 -7.68
CA ARG A 344 -1.34 28.05 -7.25
C ARG A 344 -0.31 26.93 -7.22
N ARG A 345 0.50 26.86 -8.26
CA ARG A 345 1.55 25.85 -8.36
C ARG A 345 2.60 26.05 -7.28
N GLN A 346 2.91 27.30 -6.99
CA GLN A 346 3.93 27.62 -6.00
C GLN A 346 3.56 27.08 -4.62
N THR A 347 2.27 26.85 -4.41
CA THR A 347 1.76 26.40 -3.12
C THR A 347 1.03 25.06 -3.24
N LEU A 348 1.33 24.30 -4.30
CA LEU A 348 0.70 23.01 -4.52
C LEU A 348 1.05 22.05 -3.37
N CYS A 349 0.02 21.53 -2.71
CA CYS A 349 0.21 20.65 -1.56
C CYS A 349 0.85 19.33 -1.97
N LEU A 350 2.05 19.08 -1.44
CA LEU A 350 2.75 17.82 -1.68
C LEU A 350 2.99 17.06 -0.37
N GLY A 351 3.13 17.79 0.74
CA GLY A 351 3.28 17.18 2.05
C GLY A 351 4.71 16.84 2.41
N ARG A 352 4.87 16.18 3.55
CA ARG A 352 6.18 15.75 4.03
C ARG A 352 6.19 14.24 4.30
N THR A 353 5.86 13.86 5.53
CA THR A 353 5.60 12.46 5.87
C THR A 353 6.82 11.54 5.77
N TYR A 354 6.59 10.27 6.12
CA TYR A 354 7.64 9.26 6.14
C TYR A 354 7.34 8.18 5.10
N LEU A 355 6.24 8.36 4.37
CA LEU A 355 5.79 7.37 3.39
C LEU A 355 6.65 7.40 2.14
N LEU A 356 7.09 8.59 1.76
CA LEU A 356 7.90 8.78 0.55
C LEU A 356 9.29 8.17 0.69
N HIS A 357 9.90 8.37 1.86
CA HIS A 357 11.27 7.93 2.11
C HIS A 357 11.49 6.46 1.77
N ARG A 358 10.95 5.58 2.60
CA ARG A 358 11.17 4.15 2.47
C ARG A 358 11.13 3.68 1.02
N GLY A 359 10.08 4.06 0.30
CA GLY A 359 9.93 3.66 -1.09
C GLY A 359 8.97 2.50 -1.26
N HIS A 360 7.99 2.40 -0.38
CA HIS A 360 6.98 1.36 -0.48
C HIS A 360 5.86 1.83 -1.39
N GLU A 361 5.62 1.08 -2.47
CA GLU A 361 4.63 1.45 -3.48
C GLU A 361 3.32 1.93 -2.85
N GLU A 362 2.78 1.14 -1.93
CA GLU A 362 1.50 1.45 -1.30
C GLU A 362 1.59 2.69 -0.42
N ASP A 363 2.75 2.92 0.18
CA ASP A 363 2.95 4.09 1.03
C ASP A 363 3.00 5.36 0.18
N TYR A 364 3.73 5.29 -0.94
CA TYR A 364 3.81 6.43 -1.85
C TYR A 364 2.44 6.73 -2.44
N LYS A 365 1.69 5.67 -2.73
CA LYS A 365 0.33 5.81 -3.23
C LYS A 365 -0.53 6.49 -2.18
N GLU A 366 -0.37 6.05 -0.93
CA GLU A 366 -1.15 6.59 0.18
C GLU A 366 -0.85 8.07 0.40
N HIS A 367 0.40 8.46 0.14
CA HIS A 367 0.81 9.86 0.30
C HIS A 367 0.26 10.72 -0.82
N LEU A 368 0.49 10.30 -2.06
CA LEU A 368 0.04 11.06 -3.22
C LEU A 368 -1.45 11.37 -3.13
N LEU A 369 -2.24 10.35 -2.80
CA LEU A 369 -3.68 10.53 -2.64
C LEU A 369 -3.96 11.53 -1.53
N GLY A 370 -3.23 11.42 -0.43
CA GLY A 370 -3.37 12.33 0.69
C GLY A 370 -3.17 13.78 0.25
N ALA A 371 -2.11 14.02 -0.50
CA ALA A 371 -1.82 15.36 -1.01
C ALA A 371 -2.90 15.81 -1.98
N SER A 372 -3.32 14.91 -2.86
CA SER A 372 -4.34 15.22 -3.85
C SER A 372 -5.62 15.68 -3.18
N ILE A 373 -5.99 15.01 -2.09
CA ILE A 373 -7.20 15.34 -1.36
C ILE A 373 -7.10 16.73 -0.74
N TYR A 374 -6.14 16.92 0.15
CA TYR A 374 -5.93 18.19 0.80
C TYR A 374 -5.90 19.34 -0.22
N GLU A 375 -5.12 19.17 -1.27
CA GLU A 375 -5.06 20.16 -2.33
C GLU A 375 -6.46 20.55 -2.78
N ALA A 376 -7.28 19.54 -3.06
CA ALA A 376 -8.64 19.77 -3.52
C ALA A 376 -9.45 20.52 -2.48
N GLN A 377 -9.33 20.11 -1.22
CA GLN A 377 -10.07 20.74 -0.13
C GLN A 377 -9.68 22.21 0.02
N LEU A 378 -8.39 22.47 0.10
CA LEU A 378 -7.88 23.82 0.29
C LEU A 378 -8.35 24.74 -0.83
N LEU A 379 -8.33 24.23 -2.07
CA LEU A 379 -8.81 24.99 -3.21
C LEU A 379 -10.29 25.31 -3.06
N LYS A 380 -11.06 24.31 -2.66
CA LYS A 380 -12.50 24.49 -2.48
C LYS A 380 -12.77 25.56 -1.42
N TYR A 381 -11.98 25.54 -0.35
CA TYR A 381 -12.16 26.48 0.74
C TYR A 381 -11.77 27.89 0.31
N LYS A 382 -10.86 27.98 -0.66
CA LYS A 382 -10.40 29.28 -1.15
C LYS A 382 -11.37 29.86 -2.16
N TYR A 383 -11.67 29.08 -3.20
CA TYR A 383 -12.56 29.52 -4.27
C TYR A 383 -13.95 28.92 -4.09
N LYS A 384 -14.47 28.98 -2.87
CA LYS A 384 -15.78 28.41 -2.56
C LYS A 384 -16.92 29.21 -3.17
N GLU A 385 -16.64 30.47 -3.53
CA GLU A 385 -17.67 31.35 -4.08
C GLU A 385 -17.62 31.44 -5.60
N LYS A 386 -17.01 30.45 -6.24
CA LYS A 386 -16.93 30.41 -7.70
C LYS A 386 -17.84 29.34 -8.28
N ASP A 387 -18.35 29.59 -9.47
CA ASP A 387 -19.25 28.65 -10.14
C ASP A 387 -18.58 27.30 -10.33
N GLU A 388 -19.39 26.29 -10.63
CA GLU A 388 -18.88 24.92 -10.79
C GLU A 388 -17.94 24.80 -11.99
N ASN A 389 -18.27 25.48 -13.08
CA ASN A 389 -17.44 25.45 -14.28
C ASN A 389 -16.05 26.03 -14.02
N ALA A 390 -15.99 27.06 -13.19
CA ALA A 390 -14.73 27.71 -12.86
C ALA A 390 -13.93 26.83 -11.89
N LEU A 391 -14.55 26.52 -10.76
CA LEU A 391 -13.93 25.66 -9.76
C LEU A 391 -13.37 24.39 -10.39
N CYS A 392 -14.07 23.89 -11.40
CA CYS A 392 -13.64 22.68 -12.10
C CYS A 392 -12.24 22.84 -12.70
N SER A 393 -12.09 23.84 -13.57
CA SER A 393 -10.81 24.06 -14.25
C SER A 393 -9.68 24.30 -13.26
N ILE A 394 -10.01 24.80 -12.08
CA ILE A 394 -9.00 25.08 -11.05
C ILE A 394 -8.47 23.76 -10.48
N ILE A 395 -9.36 22.81 -10.27
CA ILE A 395 -8.96 21.49 -9.78
C ILE A 395 -8.13 20.76 -10.82
N GLN A 396 -8.49 20.92 -12.09
CA GLN A 396 -7.76 20.31 -13.18
C GLN A 396 -6.35 20.86 -13.29
N ASN A 397 -6.20 22.16 -13.06
CA ASN A 397 -4.90 22.81 -13.13
C ASN A 397 -3.89 22.14 -12.19
N SER A 398 -4.34 21.82 -10.98
CA SER A 398 -3.49 21.16 -10.00
C SER A 398 -3.34 19.68 -10.33
N TYR A 399 -4.42 19.06 -10.79
CA TYR A 399 -4.40 17.66 -11.18
C TYR A 399 -3.37 17.43 -12.28
N ALA A 400 -3.27 18.39 -13.19
CA ALA A 400 -2.32 18.30 -14.29
C ALA A 400 -0.89 18.53 -13.80
N ASP A 401 -0.71 19.52 -12.92
CA ASP A 401 0.59 19.79 -12.34
C ASP A 401 1.11 18.56 -11.62
N LEU A 402 0.25 17.94 -10.82
CA LEU A 402 0.59 16.71 -10.11
C LEU A 402 1.11 15.67 -11.09
N ALA A 403 0.42 15.52 -12.21
CA ALA A 403 0.81 14.55 -13.23
C ALA A 403 2.23 14.81 -13.72
N ASP A 404 2.53 16.06 -14.02
CA ASP A 404 3.85 16.43 -14.54
C ASP A 404 4.93 16.28 -13.47
N ILE A 405 4.54 16.46 -12.21
CA ILE A 405 5.48 16.27 -11.11
C ILE A 405 5.84 14.80 -10.96
N ILE A 406 4.83 13.93 -11.07
CA ILE A 406 5.04 12.49 -11.00
C ILE A 406 5.81 12.02 -12.24
N LYS A 407 5.28 12.32 -13.41
CA LYS A 407 5.92 11.96 -14.67
C LYS A 407 7.36 12.45 -14.70
N GLY A 408 7.59 13.62 -14.10
CA GLY A 408 8.91 14.23 -14.08
C GLY A 408 9.09 15.22 -15.21
N SER A 409 7.98 15.71 -15.75
CA SER A 409 8.02 16.68 -16.83
C SER A 409 7.69 18.07 -16.31
N ASP A 410 7.66 18.22 -15.00
CA ASP A 410 7.37 19.52 -14.38
C ASP A 410 8.48 20.52 -14.71
N ILE A 411 8.09 21.76 -14.95
CA ILE A 411 9.04 22.80 -15.33
C ILE A 411 9.77 23.38 -14.12
N ILE A 412 9.07 23.50 -13.00
CA ILE A 412 9.62 24.15 -11.81
C ILE A 412 10.76 23.33 -11.21
N LYS A 413 10.51 22.05 -10.99
CA LYS A 413 11.49 21.18 -10.34
C LYS A 413 11.90 21.76 -8.99
N ASP A 414 10.93 22.21 -8.22
CA ASP A 414 11.19 22.77 -6.91
C ASP A 414 11.60 21.67 -5.93
N TYR A 415 12.00 22.08 -4.73
CA TYR A 415 12.48 21.14 -3.72
C TYR A 415 11.52 19.97 -3.53
N TYR A 416 10.32 20.27 -3.05
CA TYR A 416 9.31 19.25 -2.79
C TYR A 416 8.81 18.62 -4.08
N GLY A 417 9.00 19.33 -5.19
CA GLY A 417 8.65 18.80 -6.50
C GLY A 417 9.51 17.61 -6.86
N LYS A 418 10.83 17.81 -6.83
CA LYS A 418 11.77 16.73 -7.07
C LYS A 418 11.54 15.59 -6.08
N LYS A 419 11.45 15.93 -4.80
CA LYS A 419 11.22 14.94 -3.75
C LYS A 419 10.09 13.99 -4.14
N MET A 420 9.06 14.53 -4.79
CA MET A 420 7.92 13.73 -5.21
C MET A 420 8.33 12.76 -6.30
N GLU A 421 9.08 13.26 -7.27
CA GLU A 421 9.54 12.45 -8.40
C GLU A 421 10.61 11.44 -7.96
N GLU A 422 11.68 11.95 -7.36
CA GLU A 422 12.80 11.11 -6.94
C GLU A 422 12.37 10.00 -5.99
N ASN A 423 11.35 10.26 -5.18
CA ASN A 423 10.85 9.25 -4.25
C ASN A 423 10.08 8.15 -4.95
N LEU A 424 9.50 8.46 -6.11
CA LEU A 424 8.83 7.45 -6.91
C LEU A 424 9.87 6.56 -7.59
N ASN A 425 11.04 7.13 -7.85
CA ASN A 425 12.15 6.37 -8.39
C ASN A 425 12.66 5.36 -7.36
N LYS A 426 12.57 5.73 -6.08
CA LYS A 426 12.95 4.84 -5.01
C LYS A 426 12.02 3.62 -4.96
N VAL A 427 10.75 3.85 -5.28
CA VAL A 427 9.78 2.77 -5.36
C VAL A 427 10.19 1.80 -6.46
N ASN A 428 10.74 2.33 -7.54
CA ASN A 428 11.23 1.51 -8.64
C ASN A 428 12.45 0.70 -8.21
N LYS A 429 12.27 -0.61 -8.08
CA LYS A 429 13.34 -1.49 -7.64
C LYS A 429 14.20 -1.98 -8.80
N ASP A 430 13.82 -1.59 -10.01
CA ASP A 430 14.61 -1.94 -11.19
C ASP A 430 16.01 -1.35 -11.08
N LYS A 431 16.99 -2.03 -11.66
CA LYS A 431 18.39 -1.62 -11.54
C LYS A 431 18.85 -0.76 -12.70
N LYS A 432 18.07 -0.70 -13.78
CA LYS A 432 18.34 0.19 -14.89
C LYS A 432 17.77 1.56 -14.55
N ARG A 433 18.63 2.52 -14.26
CA ARG A 433 18.20 3.81 -13.76
C ARG A 433 18.71 4.98 -14.59
N ASN A 434 18.36 5.01 -15.87
CA ASN A 434 18.66 6.16 -16.72
C ASN A 434 17.40 6.99 -16.94
N GLU A 435 17.59 8.24 -17.37
CA GLU A 435 16.47 9.17 -17.53
C GLU A 435 15.29 8.54 -18.27
N GLU A 436 15.52 8.13 -19.51
CA GLU A 436 14.45 7.58 -20.34
C GLU A 436 13.79 6.36 -19.70
N SER A 437 14.57 5.63 -18.90
CA SER A 437 14.07 4.42 -18.24
C SER A 437 13.19 4.78 -17.06
N LEU A 438 13.73 5.58 -16.15
CA LEU A 438 13.00 6.02 -14.97
C LEU A 438 11.76 6.81 -15.37
N LYS A 439 11.84 7.50 -16.50
CA LYS A 439 10.72 8.30 -16.99
C LYS A 439 9.51 7.41 -17.29
N ILE A 440 9.68 6.50 -18.24
CA ILE A 440 8.60 5.64 -18.67
C ILE A 440 7.95 4.92 -17.48
N PHE A 441 8.79 4.52 -16.53
CA PHE A 441 8.29 3.86 -15.32
C PHE A 441 7.26 4.72 -14.62
N ARG A 442 7.64 5.96 -14.31
CA ARG A 442 6.75 6.89 -13.62
C ARG A 442 5.53 7.21 -14.48
N GLU A 443 5.74 7.37 -15.78
CA GLU A 443 4.66 7.68 -16.70
C GLU A 443 3.60 6.58 -16.69
N LYS A 444 4.06 5.33 -16.63
CA LYS A 444 3.15 4.20 -16.55
C LYS A 444 2.48 4.14 -15.18
N TRP A 445 3.28 4.33 -14.13
CA TRP A 445 2.77 4.30 -12.77
C TRP A 445 1.65 5.33 -12.60
N TRP A 446 1.79 6.47 -13.27
CA TRP A 446 0.78 7.52 -13.20
C TRP A 446 -0.51 7.04 -13.84
N ASP A 447 -0.42 6.43 -15.01
CA ASP A 447 -1.59 5.93 -15.72
C ASP A 447 -2.36 4.92 -14.88
N GLU A 448 -1.66 4.23 -13.98
CA GLU A 448 -2.26 3.21 -13.14
C GLU A 448 -3.02 3.82 -11.96
N ASN A 449 -2.63 5.02 -11.55
CA ASN A 449 -3.22 5.67 -10.39
C ASN A 449 -3.88 7.01 -10.69
N LYS A 450 -3.66 7.53 -11.89
CA LYS A 450 -4.17 8.86 -12.25
C LYS A 450 -5.69 8.92 -12.13
N GLU A 451 -6.35 7.80 -12.35
CA GLU A 451 -7.80 7.73 -12.25
C GLU A 451 -8.26 7.88 -10.80
N ASN A 452 -7.56 7.21 -9.89
CA ASN A 452 -7.87 7.31 -8.47
C ASN A 452 -7.55 8.71 -7.93
N VAL A 453 -6.46 9.28 -8.41
CA VAL A 453 -6.06 10.63 -8.00
C VAL A 453 -7.16 11.64 -8.35
N TRP A 454 -7.84 11.40 -9.47
CA TRP A 454 -8.90 12.30 -9.91
C TRP A 454 -10.19 12.08 -9.14
N LYS A 455 -10.47 10.83 -8.78
CA LYS A 455 -11.68 10.49 -8.05
C LYS A 455 -11.76 11.23 -6.72
N VAL A 456 -10.64 11.31 -6.03
CA VAL A 456 -10.59 11.96 -4.72
C VAL A 456 -10.60 13.48 -4.84
N MET A 457 -9.98 13.99 -5.89
CA MET A 457 -9.90 15.43 -6.11
C MET A 457 -11.23 16.00 -6.59
N SER A 458 -11.97 15.20 -7.35
CA SER A 458 -13.26 15.64 -7.90
C SER A 458 -14.39 15.49 -6.88
N ALA A 459 -14.06 14.97 -5.69
CA ALA A 459 -15.07 14.73 -4.66
C ALA A 459 -15.53 16.01 -3.98
N VAL A 460 -14.89 17.14 -4.32
CA VAL A 460 -15.23 18.42 -3.72
C VAL A 460 -16.06 19.29 -4.66
N LEU A 461 -16.64 18.67 -5.68
CA LEU A 461 -17.46 19.39 -6.66
C LEU A 461 -18.91 18.93 -6.55
N LYS A 462 -19.83 19.88 -6.46
CA LYS A 462 -21.25 19.57 -6.37
C LYS A 462 -21.62 18.48 -7.37
N ASN A 463 -21.49 18.80 -8.65
CA ASN A 463 -21.70 17.83 -9.72
C ASN A 463 -20.36 17.29 -10.20
N LYS A 464 -20.03 16.08 -9.77
CA LYS A 464 -18.71 15.51 -10.00
C LYS A 464 -18.38 15.36 -11.49
N GLU A 465 -19.39 15.07 -12.30
CA GLU A 465 -19.18 14.86 -13.72
C GLU A 465 -19.34 16.14 -14.54
N THR A 466 -19.15 17.28 -13.89
CA THR A 466 -19.13 18.55 -14.59
C THR A 466 -17.79 18.73 -15.28
N CYS A 467 -16.74 18.24 -14.64
CA CYS A 467 -15.39 18.33 -15.17
C CYS A 467 -15.15 17.22 -16.19
N LYS A 468 -14.99 17.61 -17.45
CA LYS A 468 -14.75 16.68 -18.53
C LYS A 468 -13.35 16.86 -19.10
N ASP A 469 -12.85 15.84 -19.77
CA ASP A 469 -11.54 15.90 -20.41
C ASP A 469 -10.46 16.29 -19.39
N TYR A 470 -10.64 15.88 -18.14
CA TYR A 470 -9.67 16.16 -17.10
C TYR A 470 -8.34 15.45 -17.40
N ASP A 471 -8.44 14.27 -18.00
CA ASP A 471 -7.25 13.50 -18.36
C ASP A 471 -6.64 14.03 -19.65
N LYS A 472 -7.49 14.41 -20.59
CA LYS A 472 -7.04 14.97 -21.85
C LYS A 472 -6.38 16.32 -21.62
N PHE A 473 -6.82 17.01 -20.57
CA PHE A 473 -6.26 18.31 -20.19
C PHE A 473 -4.85 18.14 -19.64
N GLN A 474 -4.63 17.05 -18.91
CA GLN A 474 -3.33 16.75 -18.34
C GLN A 474 -2.29 16.51 -19.42
N LYS A 475 -2.73 15.99 -20.57
CA LYS A 475 -1.84 15.69 -21.68
C LYS A 475 -1.34 16.96 -22.37
N ILE A 476 -1.94 18.09 -22.03
CA ILE A 476 -1.53 19.37 -22.61
C ILE A 476 -0.24 19.86 -21.94
N PRO A 477 0.72 20.32 -22.76
CA PRO A 477 1.99 20.84 -22.24
C PRO A 477 1.79 21.81 -21.08
N GLN A 478 2.56 21.63 -20.01
CA GLN A 478 2.38 22.40 -18.79
C GLN A 478 2.33 23.91 -19.05
N PHE A 479 3.36 24.43 -19.71
CA PHE A 479 3.44 25.86 -19.97
C PHE A 479 2.15 26.38 -20.61
N LEU A 480 1.59 25.61 -21.53
CA LEU A 480 0.37 26.02 -22.22
C LEU A 480 -0.80 26.09 -21.24
N ARG A 481 -0.85 25.15 -20.30
CA ARG A 481 -1.92 25.13 -19.30
C ARG A 481 -1.82 26.35 -18.40
N TRP A 482 -0.59 26.78 -18.12
CA TRP A 482 -0.34 27.91 -17.23
C TRP A 482 -0.60 29.24 -17.94
N PHE A 483 -0.21 29.32 -19.21
CA PHE A 483 -0.39 30.54 -19.98
C PHE A 483 -1.87 30.93 -20.04
N LYS A 484 -2.74 29.93 -20.05
CA LYS A 484 -4.18 30.16 -20.03
C LYS A 484 -4.61 30.61 -18.64
N GLU A 485 -4.14 29.89 -17.62
CA GLU A 485 -4.47 30.22 -16.24
C GLU A 485 -4.07 31.65 -15.92
N TRP A 486 -2.96 32.09 -16.53
CA TRP A 486 -2.50 33.46 -16.35
C TRP A 486 -3.43 34.43 -17.04
N GLY A 487 -3.92 34.05 -18.22
CA GLY A 487 -4.82 34.88 -18.99
C GLY A 487 -6.12 35.12 -18.25
N ASP A 488 -6.76 34.05 -17.79
CA ASP A 488 -8.01 34.16 -17.06
C ASP A 488 -7.81 34.92 -15.75
N ASP A 489 -6.63 34.77 -15.16
CA ASP A 489 -6.30 35.46 -13.92
C ASP A 489 -6.19 36.96 -14.15
N PHE A 490 -5.31 37.34 -15.09
CA PHE A 490 -5.09 38.75 -15.42
C PHE A 490 -6.41 39.46 -15.75
N CYS A 491 -7.17 38.87 -16.67
CA CYS A 491 -8.42 39.46 -17.12
C CYS A 491 -9.39 39.63 -15.95
N GLU A 492 -9.43 38.66 -15.05
CA GLU A 492 -10.33 38.71 -13.91
C GLU A 492 -9.95 39.84 -12.97
N LYS A 493 -8.66 39.92 -12.64
CA LYS A 493 -8.17 40.95 -11.73
C LYS A 493 -8.23 42.32 -12.39
N ARG A 494 -8.27 42.35 -13.72
CA ARG A 494 -8.42 43.61 -14.45
C ARG A 494 -9.84 44.14 -14.27
N LYS A 495 -10.83 43.29 -14.47
CA LYS A 495 -12.22 43.67 -14.26
C LYS A 495 -12.42 44.15 -12.83
N GLU A 496 -11.80 43.44 -11.89
CA GLU A 496 -11.88 43.80 -10.47
C GLU A 496 -11.39 45.22 -10.25
N LYS A 497 -10.19 45.51 -10.74
CA LYS A 497 -9.59 46.82 -10.56
C LYS A 497 -10.38 47.91 -11.28
N ILE A 498 -11.10 47.53 -12.32
CA ILE A 498 -11.98 48.47 -13.01
C ILE A 498 -13.22 48.75 -12.17
N TYR A 499 -13.73 47.72 -11.51
CA TYR A 499 -14.88 47.86 -10.63
C TYR A 499 -14.49 48.68 -9.40
N SER A 500 -13.23 48.56 -9.00
CA SER A 500 -12.71 49.33 -7.87
C SER A 500 -12.67 50.81 -8.19
N PHE A 501 -12.45 51.12 -9.47
CA PHE A 501 -12.42 52.51 -9.92
C PHE A 501 -13.82 53.09 -10.04
N GLU A 502 -14.76 52.27 -10.54
CA GLU A 502 -16.14 52.71 -10.68
C GLU A 502 -16.78 52.95 -9.31
N SER A 503 -16.56 52.01 -8.39
CA SER A 503 -17.13 52.11 -7.05
C SER A 503 -16.49 53.25 -6.27
N PHE A 504 -15.26 53.61 -6.65
CA PHE A 504 -14.53 54.69 -5.99
C PHE A 504 -14.85 56.04 -6.62
N LYS A 505 -15.02 56.04 -7.94
CA LYS A 505 -15.30 57.28 -8.66
C LYS A 505 -16.63 57.87 -8.22
N VAL A 506 -17.64 57.02 -8.10
CA VAL A 506 -18.97 57.46 -7.69
C VAL A 506 -18.96 57.90 -6.24
N GLU A 507 -18.18 57.20 -5.41
CA GLU A 507 -18.08 57.53 -3.99
C GLU A 507 -17.63 58.98 -3.79
N CYS A 508 -16.71 59.41 -4.65
CA CYS A 508 -16.21 60.78 -4.59
C CYS A 508 -17.11 61.73 -5.38
N LYS A 509 -17.75 61.19 -6.42
CA LYS A 509 -18.64 61.98 -7.27
C LYS A 509 -19.77 62.59 -6.44
N LYS A 510 -20.14 61.91 -5.37
CA LYS A 510 -21.17 62.39 -4.46
C LYS A 510 -20.56 63.24 -3.35
N LYS A 511 -19.79 62.60 -2.47
CA LYS A 511 -19.14 63.29 -1.37
C LYS A 511 -17.63 63.08 -1.42
N THR A 517 -7.21 61.66 -3.55
CA THR A 517 -5.93 60.99 -3.74
C THR A 517 -6.03 59.94 -4.84
N CYS A 518 -6.59 60.33 -5.97
CA CYS A 518 -6.73 59.43 -7.11
C CYS A 518 -5.36 58.98 -7.59
N LYS A 519 -4.37 59.84 -7.44
CA LYS A 519 -3.01 59.55 -7.88
C LYS A 519 -2.48 58.30 -7.19
N ASN A 520 -2.95 58.06 -5.96
CA ASN A 520 -2.49 56.91 -5.19
C ASN A 520 -3.07 55.61 -5.74
N LYS A 521 -4.39 55.55 -5.89
CA LYS A 521 -5.05 54.38 -6.44
C LYS A 521 -4.52 54.07 -7.83
N CYS A 522 -4.33 55.10 -8.65
CA CYS A 522 -3.77 54.94 -9.98
C CYS A 522 -2.33 54.43 -9.89
N SER A 523 -1.50 55.16 -9.16
CA SER A 523 -0.09 54.79 -8.99
C SER A 523 0.05 53.31 -8.71
N GLU A 524 -0.77 52.79 -7.81
CA GLU A 524 -0.75 51.37 -7.48
C GLU A 524 -1.11 50.53 -8.70
N TYR A 525 -2.10 50.99 -9.47
CA TYR A 525 -2.51 50.31 -10.68
C TYR A 525 -1.44 50.39 -11.75
N LYS A 526 -0.73 51.52 -11.79
CA LYS A 526 0.31 51.73 -12.79
C LYS A 526 1.45 50.72 -12.62
N LYS A 527 1.78 50.43 -11.36
CA LYS A 527 2.84 49.47 -11.06
C LYS A 527 2.39 48.05 -11.37
N TRP A 528 1.10 47.77 -11.13
CA TRP A 528 0.56 46.44 -11.35
C TRP A 528 0.57 46.08 -12.83
N ILE A 529 -0.10 46.90 -13.64
CA ILE A 529 -0.20 46.63 -15.07
C ILE A 529 1.17 46.46 -15.71
N ASP A 530 2.15 47.21 -15.22
CA ASP A 530 3.52 47.12 -15.72
C ASP A 530 4.12 45.76 -15.40
N LEU A 531 3.85 45.27 -14.19
CA LEU A 531 4.33 43.96 -13.77
C LEU A 531 3.69 42.86 -14.61
N LYS A 532 2.39 42.97 -14.83
CA LYS A 532 1.67 41.99 -15.62
C LYS A 532 2.12 42.04 -17.08
N LYS A 533 2.51 43.24 -17.53
CA LYS A 533 2.98 43.41 -18.89
C LYS A 533 4.25 42.60 -19.14
N SER A 534 5.17 42.64 -18.18
CA SER A 534 6.43 41.91 -18.31
C SER A 534 6.19 40.40 -18.24
N GLU A 535 5.21 39.99 -17.44
CA GLU A 535 4.88 38.58 -17.33
C GLU A 535 4.24 38.11 -18.63
N TYR A 536 3.50 39.01 -19.27
CA TYR A 536 2.87 38.72 -20.55
C TYR A 536 3.92 38.59 -21.66
N GLU A 537 4.91 39.46 -21.62
CA GLU A 537 5.97 39.46 -22.63
C GLU A 537 6.84 38.22 -22.52
N LYS A 538 7.26 37.89 -21.30
CA LYS A 538 8.12 36.72 -21.08
C LYS A 538 7.48 35.45 -21.64
N GLN A 539 6.19 35.26 -21.36
CA GLN A 539 5.48 34.07 -21.81
C GLN A 539 5.22 34.12 -23.31
N VAL A 540 4.61 35.20 -23.79
CA VAL A 540 4.34 35.38 -25.20
C VAL A 540 5.58 35.05 -26.03
N ASP A 541 6.74 35.47 -25.53
CA ASP A 541 7.99 35.17 -26.20
C ASP A 541 8.18 33.66 -26.33
N LYS A 542 8.18 32.97 -25.21
CA LYS A 542 8.34 31.53 -25.18
C LYS A 542 7.33 30.84 -26.09
N TYR A 543 6.10 31.34 -26.09
CA TYR A 543 5.05 30.77 -26.92
C TYR A 543 5.41 30.82 -28.39
N THR A 544 5.90 31.98 -28.85
CA THR A 544 6.23 32.17 -30.25
C THR A 544 7.51 31.43 -30.62
N LYS A 545 8.51 31.50 -29.75
CA LYS A 545 9.80 30.85 -30.00
C LYS A 545 9.63 29.33 -30.01
N ASP A 546 8.77 28.82 -29.15
CA ASP A 546 8.50 27.38 -29.09
C ASP A 546 7.65 26.96 -30.28
N LYS A 547 6.74 27.82 -30.71
CA LYS A 547 5.89 27.53 -31.85
C LYS A 547 6.73 27.36 -33.11
N ASN A 548 7.72 28.23 -33.28
CA ASN A 548 8.61 28.17 -34.43
C ASN A 548 9.46 26.91 -34.42
N LYS A 549 9.74 26.41 -33.22
CA LYS A 549 10.51 25.18 -33.07
C LYS A 549 9.63 23.95 -33.32
N LYS A 550 8.36 24.19 -33.61
CA LYS A 550 7.42 23.12 -33.94
C LYS A 550 7.27 22.13 -32.80
N MET A 551 6.94 22.65 -31.62
CA MET A 551 6.68 21.80 -30.45
C MET A 551 5.19 21.52 -30.31
N TYR A 552 4.37 22.39 -30.86
CA TYR A 552 2.91 22.29 -30.71
C TYR A 552 2.24 21.87 -32.01
N ASP A 553 2.85 20.92 -32.72
CA ASP A 553 2.28 20.39 -33.95
C ASP A 553 1.19 19.37 -33.65
N ASN A 554 1.38 18.60 -32.59
CA ASN A 554 0.42 17.59 -32.19
C ASN A 554 -0.62 18.16 -31.21
N ILE A 555 -1.10 19.36 -31.51
CA ILE A 555 -2.08 20.03 -30.66
C ILE A 555 -3.05 20.85 -31.50
N ASP A 556 -4.30 20.43 -31.54
CA ASP A 556 -5.33 21.15 -32.30
C ASP A 556 -5.70 22.45 -31.59
N GLU A 557 -6.28 23.37 -32.36
CA GLU A 557 -6.71 24.65 -31.82
C GLU A 557 -5.52 25.42 -31.22
N VAL A 558 -4.36 25.28 -31.84
CA VAL A 558 -3.15 25.94 -31.36
C VAL A 558 -2.23 26.32 -32.51
N LYS A 559 -1.92 25.35 -33.36
CA LYS A 559 -1.05 25.58 -34.51
C LYS A 559 -1.37 26.91 -35.20
N GLU A 562 -1.40 33.01 -33.00
CA GLU A 562 -0.85 34.14 -32.25
C GLU A 562 -1.19 34.02 -30.77
N ALA A 563 -0.21 34.29 -29.92
CA ALA A 563 -0.39 34.19 -28.48
C ALA A 563 -1.65 34.90 -28.01
N ASN A 564 -1.78 36.17 -28.40
CA ASN A 564 -2.92 36.98 -27.98
C ASN A 564 -4.26 36.38 -28.41
N VAL A 565 -4.29 35.77 -29.59
CA VAL A 565 -5.50 35.13 -30.09
C VAL A 565 -5.80 33.86 -29.28
N TYR A 566 -4.78 33.04 -29.11
CA TYR A 566 -4.90 31.79 -28.36
C TYR A 566 -5.55 32.01 -26.99
N LEU A 567 -5.32 33.20 -26.42
CA LEU A 567 -5.86 33.52 -25.11
C LEU A 567 -7.37 33.73 -25.15
N LYS A 568 -7.83 34.60 -26.06
CA LYS A 568 -9.25 34.92 -26.16
C LYS A 568 -10.13 33.68 -26.14
N GLU A 569 -10.01 32.85 -27.16
CA GLU A 569 -10.85 31.66 -27.28
C GLU A 569 -10.76 30.80 -26.03
N LYS A 570 -9.55 30.43 -25.63
CA LYS A 570 -9.34 29.58 -24.47
C LYS A 570 -9.77 30.28 -23.19
N SER A 571 -9.05 31.33 -22.81
CA SER A 571 -9.38 32.09 -21.61
C SER A 571 -10.82 32.59 -21.66
N LYS A 572 -11.71 31.86 -21.00
CA LYS A 572 -13.13 32.20 -20.99
C LYS A 572 -13.35 33.58 -20.37
N GLU A 573 -12.46 33.96 -19.45
CA GLU A 573 -12.57 35.23 -18.76
C GLU A 573 -12.24 36.39 -19.69
N CYS A 574 -11.43 36.14 -20.71
CA CYS A 574 -11.02 37.16 -21.65
C CYS A 574 -11.89 37.15 -22.90
N LYS A 575 -13.12 36.65 -22.76
CA LYS A 575 -14.04 36.54 -23.89
C LYS A 575 -14.47 37.91 -24.40
N ASP A 576 -14.41 38.92 -23.54
CA ASP A 576 -14.82 40.27 -23.90
C ASP A 576 -13.65 41.24 -23.80
N VAL A 577 -12.48 40.80 -24.24
CA VAL A 577 -11.28 41.64 -24.18
C VAL A 577 -10.35 41.38 -25.36
N ASN A 578 -9.83 42.44 -25.95
CA ASN A 578 -8.86 42.33 -27.03
C ASN A 578 -7.48 42.77 -26.55
N PHE A 579 -6.44 42.30 -27.24
CA PHE A 579 -5.07 42.59 -26.83
C PHE A 579 -4.44 43.68 -27.71
N ASP A 580 -4.76 44.93 -27.40
CA ASP A 580 -4.13 46.06 -28.06
C ASP A 580 -2.98 46.56 -27.19
N ASP A 581 -2.42 47.71 -27.52
CA ASP A 581 -1.39 48.33 -26.70
C ASP A 581 -2.06 49.08 -25.56
N LYS A 582 -3.33 49.40 -25.73
CA LYS A 582 -4.10 50.12 -24.73
C LYS A 582 -4.31 49.29 -23.47
N ILE A 583 -4.35 47.97 -23.64
CA ILE A 583 -4.64 47.07 -22.52
C ILE A 583 -3.60 47.20 -21.41
N PHE A 584 -2.35 47.41 -21.79
CA PHE A 584 -1.27 47.52 -20.82
C PHE A 584 -0.90 48.97 -20.52
N ASN A 585 -1.84 49.88 -20.73
CA ASN A 585 -1.63 51.29 -20.41
C ASN A 585 -1.54 51.50 -18.91
N GLU A 586 -0.98 52.63 -18.51
CA GLU A 586 -0.85 52.97 -17.09
C GLU A 586 -2.23 53.19 -16.47
N ALA A 587 -3.24 53.35 -17.32
CA ALA A 587 -4.62 53.50 -16.85
C ALA A 587 -5.58 53.11 -17.97
N PRO A 588 -6.73 52.53 -17.61
CA PRO A 588 -7.73 52.13 -18.61
C PRO A 588 -8.08 53.27 -19.55
N ASN A 589 -8.57 52.95 -20.73
CA ASN A 589 -8.90 53.97 -21.72
C ASN A 589 -9.97 54.93 -21.20
N GLU A 590 -11.00 54.37 -20.57
CA GLU A 590 -12.07 55.17 -20.00
C GLU A 590 -11.61 55.91 -18.74
N TYR A 591 -10.51 55.43 -18.15
CA TYR A 591 -9.95 56.06 -16.96
C TYR A 591 -8.60 56.71 -17.26
N GLU A 592 -8.23 56.75 -18.54
CA GLU A 592 -6.95 57.34 -18.94
C GLU A 592 -6.92 58.82 -18.58
N ASP A 593 -7.96 59.55 -18.98
CA ASP A 593 -8.04 60.98 -18.71
C ASP A 593 -8.44 61.24 -17.26
N MET A 594 -9.01 60.23 -16.60
CA MET A 594 -9.47 60.37 -15.22
C MET A 594 -8.31 60.21 -14.25
N CYS A 595 -7.41 59.28 -14.53
CA CYS A 595 -6.19 59.14 -13.73
C CYS A 595 -5.34 60.38 -13.90
N LYS A 596 -5.45 61.01 -15.06
CA LYS A 596 -4.86 62.33 -15.28
C LYS A 596 -5.75 63.36 -14.59
N LYS A 597 -5.28 64.59 -14.48
CA LYS A 597 -6.05 65.64 -13.82
C LYS A 597 -6.41 65.22 -12.39
N CYS A 598 -5.44 64.67 -11.66
CA CYS A 598 -5.66 64.26 -10.29
C CYS A 598 -5.74 65.47 -9.34
N ASP A 599 -5.56 66.66 -9.89
CA ASP A 599 -5.69 67.89 -9.10
C ASP A 599 -7.02 67.90 -8.37
N GLU A 600 -8.03 67.25 -8.94
CA GLU A 600 -9.34 67.18 -8.33
C GLU A 600 -9.35 66.16 -7.19
C1 SIA B . 1.56 24.86 2.33
C2 SIA B . 3.02 24.46 2.40
C3 SIA B . 3.18 23.01 1.94
C4 SIA B . 3.14 22.89 0.43
C5 SIA B . 4.22 23.79 -0.17
C6 SIA B . 3.94 25.23 0.23
C7 SIA B . 5.04 26.18 -0.22
C8 SIA B . 4.66 27.61 0.15
C9 SIA B . 5.60 28.62 -0.50
C10 SIA B . 5.27 23.64 -2.41
C11 SIA B . 6.64 23.75 -1.80
N5 SIA B . 4.19 23.65 -1.61
O1A SIA B . 1.21 25.66 1.44
O1B SIA B . 0.77 24.37 3.16
O2 SIA B . 3.44 24.55 3.77
O4 SIA B . 3.37 21.53 0.07
O6 SIA B . 3.77 25.41 1.64
O7 SIA B . 6.27 25.83 0.42
O8 SIA B . 3.32 27.87 -0.26
O9 SIA B . 5.61 28.43 -1.92
O10 SIA B . 5.15 23.52 -3.61
H32 SIA B . 2.36 22.41 2.36
H31 SIA B . 4.11 22.62 2.32
H4 SIA B . 2.17 23.21 0.06
H5 SIA B . 5.20 23.49 0.22
H6 SIA B . 3.01 25.54 -0.28
H7 SIA B . 5.15 26.11 -1.31
H8 SIA B . 4.74 27.71 1.23
H92 SIA B . 6.61 28.50 -0.10
H91 SIA B . 5.26 29.63 -0.27
H111 SIA B . 6.55 23.93 -0.75
H113 SIA B . 7.16 24.55 -2.24
H112 SIA B . 7.17 22.85 -1.95
HN5 SIA B . 3.29 23.57 -2.05
HO2 SIA B . 2.89 23.96 4.31
HO4 SIA B . 2.74 20.96 0.53
HO7 SIA B . 6.98 26.38 0.08
HO8 SIA B . 3.05 28.74 0.04
HO9 SIA B . 6.14 29.12 -2.33
C1 SIA C . 17.49 -31.78 9.60
C2 SIA C . 17.94 -32.40 8.29
C3 SIA C . 17.52 -33.88 8.27
C4 SIA C . 16.13 -34.13 7.73
C5 SIA C . 15.96 -33.37 6.43
C6 SIA C . 16.11 -31.88 6.73
C7 SIA C . 15.86 -31.00 5.50
C8 SIA C . 16.34 -29.58 5.75
C9 SIA C . 15.49 -28.54 5.04
C10 SIA C . 14.42 -33.95 4.57
C11 SIA C . 15.56 -34.03 3.61
N5 SIA C . 14.66 -33.65 5.85
O1A SIA C . 16.69 -30.82 9.54
O1B SIA C . 17.92 -32.24 10.67
O2 SIA C . 19.37 -32.34 8.23
O4 SIA C . 15.92 -35.52 7.50
O6 SIA C . 17.41 -31.59 7.24
O7 SIA C . 16.55 -31.53 4.37
O8 SIA C . 16.33 -29.31 7.16
O9 SIA C . 14.85 -29.13 3.89
O10 SIA C . 13.28 -34.17 4.20
H32 SIA C . 17.58 -34.29 9.29
H31 SIA C . 18.24 -34.44 7.67
H4 SIA C . 15.40 -33.76 8.45
H5 SIA C . 16.74 -33.67 5.73
H6 SIA C . 15.37 -31.62 7.48
H7 SIA C . 14.78 -30.98 5.31
H8 SIA C . 17.38 -29.49 5.38
H92 SIA C . 16.11 -27.71 4.71
H91 SIA C . 14.73 -28.16 5.71
H111 SIA C . 16.46 -33.73 4.07
H113 SIA C . 15.36 -33.39 2.78
H112 SIA C . 15.66 -35.03 3.26
HN5 SIA C . 13.87 -33.59 6.48
HO2 SIA C . 19.74 -32.82 8.98
HO4 SIA C . 16.11 -36.01 8.31
HO7 SIA C . 16.32 -31.01 3.58
HO8 SIA C . 16.70 -28.43 7.33
HO9 SIA C . 14.25 -28.49 3.49
#